data_9CYQ
#
_entry.id   9CYQ
#
_cell.length_a   89.566
_cell.length_b   89.566
_cell.length_c   106.360
_cell.angle_alpha   90.000
_cell.angle_beta   90.000
_cell.angle_gamma   120.000
#
_symmetry.space_group_name_H-M   'P 31 2 1'
#
loop_
_entity.id
_entity.type
_entity.pdbx_description
1 polymer 'Tyrosine-protein phosphatase non-receptor type 1'
2 non-polymer 'MAGNESIUM ION'
3 water water
#
_entity_poly.entity_id   1
_entity_poly.type   'polypeptide(L)'
_entity_poly.pdbx_seq_one_letter_code
;MEMEKEFEQIDKSGSWAAIYQDIRHEASDFPCRVAKLPKNKNRNRYRDVSPFDHSRIKLHQEDNDYINASLIKMEEARRS
YILTQGPLPNT(CME)GHFWEMVWEQKSRGVVMLNRVMEKGSLKCAQYWPQKEEKEMIFEDTNLKLTLISEDIKSYYTVR
QLELENLTTQETREILHFHYTTWPDFGVPESPASFLNFLFKVRESGSLSPEHGPVVVHCSAGIGRSGTFCLADTCLLLMD
KRKDPSSVDIKKVLLEMRKFRMGLIQTADQLRFSYLAVIEGAKFIMGDSSVQDQWKELSHEDLEPPPEHIPPPPRPPKRI
LEPHN
;
_entity_poly.pdbx_strand_id   A
#
loop_
_chem_comp.id
_chem_comp.type
_chem_comp.name
_chem_comp.formula
MG non-polymer 'MAGNESIUM ION' 'Mg 2'
#
# COMPACT_ATOMS: atom_id res chain seq x y z
N GLU A 2 -9.43 24.33 -8.04
CA GLU A 2 -8.06 24.10 -7.59
C GLU A 2 -8.04 23.83 -6.10
N MET A 3 -7.11 22.97 -5.71
CA MET A 3 -6.93 22.55 -4.34
C MET A 3 -5.60 22.98 -3.74
N GLU A 4 -4.69 23.50 -4.56
CA GLU A 4 -3.63 24.32 -4.00
C GLU A 4 -4.25 25.42 -3.15
N LYS A 5 -5.39 25.95 -3.61
CA LYS A 5 -6.08 27.00 -2.89
C LYS A 5 -6.68 26.47 -1.60
N GLU A 6 -7.36 25.32 -1.68
CA GLU A 6 -7.94 24.71 -0.49
C GLU A 6 -6.88 24.38 0.56
N PHE A 7 -5.66 24.04 0.14
CA PHE A 7 -4.60 23.77 1.12
C PHE A 7 -4.27 25.01 1.94
N GLU A 8 -4.20 26.18 1.28
CA GLU A 8 -3.89 27.44 1.98
C GLU A 8 -4.84 27.66 3.16
N GLN A 9 -6.15 27.45 2.91
CA GLN A 9 -7.16 27.86 3.88
C GLN A 9 -7.20 26.92 5.07
N ILE A 10 -7.10 25.61 4.83
CA ILE A 10 -7.05 24.69 5.96
C ILE A 10 -5.81 24.95 6.79
N ASP A 11 -4.66 25.15 6.14
CA ASP A 11 -3.42 25.34 6.89
C ASP A 11 -3.45 26.65 7.65
N LYS A 12 -3.82 27.75 6.97
CA LYS A 12 -3.94 29.05 7.62
C LYS A 12 -4.79 28.97 8.87
N SER A 13 -5.97 28.36 8.77
CA SER A 13 -6.89 28.25 9.89
C SER A 13 -6.75 26.95 10.68
N GLY A 14 -5.57 26.31 10.67
CA GLY A 14 -5.31 25.06 11.36
C GLY A 14 -6.47 24.07 11.46
N SER A 15 -7.17 23.86 10.35
CA SER A 15 -8.40 23.09 10.35
C SER A 15 -8.18 21.61 10.00
N TRP A 16 -6.95 21.12 10.01
CA TRP A 16 -6.72 19.77 9.50
C TRP A 16 -7.46 18.75 10.34
N ALA A 17 -7.31 18.82 11.66
CA ALA A 17 -7.94 17.83 12.52
C ALA A 17 -9.46 17.81 12.31
N ALA A 18 -10.02 18.94 11.88
CA ALA A 18 -11.47 19.04 11.68
C ALA A 18 -11.91 18.43 10.36
N ILE A 19 -11.27 18.85 9.26
CA ILE A 19 -11.45 18.21 7.97
C ILE A 19 -11.41 16.70 8.19
N TYR A 20 -10.42 16.26 8.97
CA TYR A 20 -10.13 14.83 9.11
C TYR A 20 -11.28 14.09 9.78
N GLN A 21 -11.94 14.72 10.76
CA GLN A 21 -13.09 14.09 11.41
C GLN A 21 -14.30 14.02 10.49
N ASP A 22 -14.52 15.04 9.65
CA ASP A 22 -15.60 14.94 8.66
C ASP A 22 -15.44 13.67 7.83
N ILE A 23 -14.19 13.30 7.50
CA ILE A 23 -13.96 12.11 6.71
C ILE A 23 -14.29 10.86 7.51
N ARG A 24 -13.83 10.80 8.77
CA ARG A 24 -14.16 9.68 9.66
C ARG A 24 -15.67 9.43 9.69
N HIS A 25 -16.45 10.50 9.88
CA HIS A 25 -17.88 10.31 10.08
C HIS A 25 -18.54 9.80 8.80
N GLU A 26 -18.21 10.42 7.67
CA GLU A 26 -18.78 10.08 6.38
C GLU A 26 -18.31 8.75 5.81
N ALA A 27 -17.26 8.17 6.37
CA ALA A 27 -16.68 6.98 5.76
C ALA A 27 -17.56 5.75 5.96
N SER A 28 -17.51 4.88 4.97
CA SER A 28 -18.29 3.67 4.90
C SER A 28 -17.94 2.70 6.01
N ASP A 29 -18.91 1.85 6.33
CA ASP A 29 -18.74 0.79 7.29
C ASP A 29 -19.44 -0.44 6.73
N PHE A 30 -18.74 -1.55 6.62
CA PHE A 30 -19.29 -2.76 6.05
C PHE A 30 -18.90 -3.91 6.96
N PRO A 31 -19.58 -5.05 6.86
CA PRO A 31 -19.26 -6.17 7.71
C PRO A 31 -17.85 -6.70 7.53
N CYS A 32 -17.21 -7.02 8.66
N CYS A 32 -17.20 -6.97 8.66
CA CYS A 32 -15.92 -7.70 8.69
CA CYS A 32 -15.91 -7.67 8.69
C CYS A 32 -16.04 -9.06 9.39
C CYS A 32 -16.07 -9.02 9.41
N ARG A 33 -16.89 -9.92 8.87
CA ARG A 33 -17.21 -11.13 9.63
C ARG A 33 -16.17 -12.21 9.53
N VAL A 34 -15.61 -12.48 8.34
CA VAL A 34 -14.60 -13.52 8.26
C VAL A 34 -13.42 -13.17 9.15
N ALA A 35 -13.03 -11.89 9.20
CA ALA A 35 -11.84 -11.49 9.93
C ALA A 35 -11.98 -11.75 11.40
N LYS A 36 -13.20 -11.63 11.91
CA LYS A 36 -13.48 -11.73 13.33
C LYS A 36 -13.80 -13.15 13.76
N LEU A 37 -13.84 -14.11 12.84
CA LEU A 37 -13.94 -15.49 13.28
C LEU A 37 -12.79 -15.83 14.21
N PRO A 38 -13.02 -16.67 15.21
CA PRO A 38 -11.96 -16.96 16.18
C PRO A 38 -10.81 -17.75 15.58
N LYS A 39 -11.06 -18.57 14.55
CA LYS A 39 -9.99 -19.29 13.86
C LYS A 39 -9.02 -18.37 13.10
N ASN A 40 -9.34 -17.10 13.00
CA ASN A 40 -8.54 -16.15 12.24
C ASN A 40 -7.90 -15.11 13.15
N LYS A 41 -8.01 -15.30 14.47
CA LYS A 41 -7.55 -14.25 15.37
C LYS A 41 -6.04 -14.03 15.26
N ASN A 42 -5.29 -15.10 15.08
CA ASN A 42 -3.84 -15.02 14.91
C ASN A 42 -3.43 -14.76 13.48
N ARG A 43 -4.35 -14.41 12.59
CA ARG A 43 -3.98 -13.99 11.25
C ARG A 43 -4.05 -12.48 11.13
N ASN A 44 -4.29 -11.79 12.24
CA ASN A 44 -4.57 -10.36 12.28
C ASN A 44 -3.60 -9.73 13.24
N ARG A 45 -2.85 -8.76 12.77
CA ARG A 45 -1.84 -8.14 13.59
C ARG A 45 -2.47 -7.20 14.59
N TYR A 46 -3.52 -6.50 14.19
CA TYR A 46 -4.26 -5.59 15.06
C TYR A 46 -5.73 -5.98 14.99
N ARG A 47 -6.37 -6.02 16.16
CA ARG A 47 -7.74 -6.50 16.26
C ARG A 47 -8.74 -5.46 15.81
N ASP A 48 -8.33 -4.20 15.74
CA ASP A 48 -9.19 -3.12 15.25
C ASP A 48 -9.01 -2.82 13.76
N VAL A 49 -8.18 -3.57 13.04
CA VAL A 49 -7.94 -3.33 11.63
C VAL A 49 -8.27 -4.61 10.86
N SER A 50 -9.40 -4.58 10.16
CA SER A 50 -9.92 -5.78 9.53
C SER A 50 -10.33 -5.46 8.10
N PRO A 51 -10.16 -6.40 7.19
CA PRO A 51 -10.75 -6.21 5.86
C PRO A 51 -12.27 -6.42 5.87
N PHE A 52 -12.99 -5.54 5.15
CA PHE A 52 -14.40 -5.80 4.88
C PHE A 52 -14.54 -7.11 4.11
N ASP A 53 -15.67 -7.80 4.28
CA ASP A 53 -15.82 -9.08 3.57
C ASP A 53 -15.99 -8.89 2.07
N HIS A 54 -16.55 -7.78 1.62
CA HIS A 54 -16.84 -7.70 0.20
C HIS A 54 -15.59 -7.52 -0.65
N SER A 55 -14.51 -6.96 -0.08
CA SER A 55 -13.32 -6.61 -0.84
C SER A 55 -12.11 -7.41 -0.40
N ARG A 56 -12.28 -8.35 0.52
CA ARG A 56 -11.14 -9.07 1.04
C ARG A 56 -10.56 -10.01 -0.01
N ILE A 57 -9.25 -10.22 0.09
CA ILE A 57 -8.55 -11.15 -0.77
C ILE A 57 -8.71 -12.55 -0.21
N LYS A 58 -9.02 -13.50 -1.06
CA LYS A 58 -9.19 -14.88 -0.63
C LYS A 58 -8.03 -15.72 -1.14
N LEU A 59 -7.45 -16.50 -0.25
CA LEU A 59 -6.45 -17.49 -0.63
C LEU A 59 -7.14 -18.72 -1.23
N HIS A 60 -6.52 -19.32 -2.24
CA HIS A 60 -6.97 -20.60 -2.79
C HIS A 60 -6.39 -21.80 -2.04
N GLN A 61 -6.53 -21.84 -0.71
CA GLN A 61 -6.45 -23.07 0.08
C GLN A 61 -7.85 -23.30 0.67
N GLU A 62 -8.27 -24.57 0.75
CA GLU A 62 -9.62 -24.87 1.22
C GLU A 62 -9.75 -24.66 2.73
N ASP A 63 -8.73 -25.07 3.48
CA ASP A 63 -8.82 -25.05 4.94
C ASP A 63 -9.27 -23.69 5.41
N ASN A 64 -8.42 -22.67 5.17
CA ASN A 64 -8.71 -21.31 5.58
C ASN A 64 -8.21 -20.36 4.51
N ASP A 65 -9.12 -19.58 3.96
CA ASP A 65 -8.77 -18.71 2.85
C ASP A 65 -8.48 -17.30 3.32
N TYR A 66 -8.32 -17.08 4.62
CA TYR A 66 -8.27 -15.73 5.14
C TYR A 66 -6.86 -15.16 5.17
N ILE A 67 -6.72 -13.93 4.67
CA ILE A 67 -5.53 -13.12 4.90
C ILE A 67 -6.03 -11.70 5.08
N ASN A 68 -5.36 -10.95 5.94
CA ASN A 68 -5.82 -9.59 6.17
C ASN A 68 -5.31 -8.73 5.04
N ALA A 69 -6.13 -8.62 4.00
CA ALA A 69 -5.76 -7.94 2.77
C ALA A 69 -7.02 -7.56 2.04
N SER A 70 -7.04 -6.34 1.47
CA SER A 70 -8.18 -5.82 0.74
C SER A 70 -7.79 -5.41 -0.67
N LEU A 71 -8.65 -5.67 -1.62
CA LEU A 71 -8.48 -5.17 -2.98
C LEU A 71 -9.18 -3.82 -3.09
N ILE A 72 -8.44 -2.84 -3.56
CA ILE A 72 -8.95 -1.50 -3.76
C ILE A 72 -9.01 -1.25 -5.26
N LYS A 73 -10.21 -1.11 -5.80
CA LYS A 73 -10.42 -1.04 -7.25
C LYS A 73 -10.89 0.37 -7.57
N MET A 74 -10.05 1.14 -8.29
CA MET A 74 -10.34 2.56 -8.61
C MET A 74 -10.72 2.62 -10.08
N GLU A 75 -12.02 2.68 -10.32
CA GLU A 75 -12.57 2.41 -11.64
C GLU A 75 -12.10 3.44 -12.68
N GLU A 76 -12.27 4.74 -12.40
CA GLU A 76 -11.89 5.74 -13.38
C GLU A 76 -10.40 5.68 -13.70
N ALA A 77 -9.56 5.48 -12.69
CA ALA A 77 -8.12 5.55 -12.93
C ALA A 77 -7.57 4.28 -13.55
N ARG A 78 -8.32 3.18 -13.56
CA ARG A 78 -7.82 1.91 -14.06
C ARG A 78 -6.62 1.42 -13.23
N ARG A 79 -6.68 1.69 -11.93
CA ARG A 79 -5.69 1.21 -10.98
C ARG A 79 -6.36 0.29 -9.98
N SER A 80 -5.71 -0.83 -9.71
CA SER A 80 -6.00 -1.67 -8.57
C SER A 80 -4.80 -1.79 -7.64
N TYR A 81 -5.08 -1.92 -6.34
CA TYR A 81 -4.06 -2.13 -5.35
C TYR A 81 -4.54 -3.17 -4.37
N ILE A 82 -3.61 -3.99 -3.84
CA ILE A 82 -3.88 -4.85 -2.67
C ILE A 82 -3.19 -4.19 -1.50
N LEU A 83 -3.94 -3.85 -0.47
CA LEU A 83 -3.39 -3.31 0.76
C LEU A 83 -3.53 -4.38 1.82
N THR A 84 -2.43 -4.65 2.50
CA THR A 84 -2.37 -5.71 3.48
C THR A 84 -1.53 -5.23 4.66
N GLN A 85 -1.57 -6.00 5.74
CA GLN A 85 -0.75 -5.76 6.89
C GLN A 85 0.66 -6.35 6.73
N GLY A 86 1.60 -5.84 7.50
CA GLY A 86 2.92 -6.42 7.51
C GLY A 86 2.75 -7.84 8.00
N PRO A 87 3.36 -8.81 7.34
CA PRO A 87 3.11 -10.20 7.68
C PRO A 87 3.51 -10.53 9.10
N LEU A 88 2.87 -11.50 9.63
CA LEU A 88 3.24 -12.03 10.91
C LEU A 88 4.11 -13.26 10.72
N PRO A 89 4.81 -13.68 11.77
CA PRO A 89 5.62 -14.89 11.69
C PRO A 89 4.89 -16.07 11.12
N ASN A 90 3.60 -16.18 11.39
CA ASN A 90 2.85 -17.30 10.88
C ASN A 90 2.13 -17.01 9.58
N THR A 91 2.17 -15.78 9.06
CA THR A 91 1.47 -15.50 7.80
C THR A 91 2.41 -15.18 6.65
N CME A 92 3.73 -15.40 6.81
CA CME A 92 4.67 -15.14 5.72
CB CME A 92 6.12 -15.36 6.18
SG CME A 92 6.69 -14.17 7.44
SD CME A 92 8.76 -14.76 7.66
CE CME A 92 8.95 -15.20 9.42
CZ CME A 92 8.98 -16.73 9.50
OH CME A 92 9.03 -17.14 8.14
C CME A 92 4.36 -16.02 4.50
O CME A 92 4.40 -15.53 3.36
H CME A 92 4.09 -15.69 7.54
HA CME A 92 4.57 -14.21 5.45
HB2 CME A 92 6.18 -16.24 6.56
HB3 CME A 92 6.70 -15.27 5.41
HE2 CME A 92 9.78 -14.83 9.77
HE3 CME A 92 8.20 -14.86 9.93
HZ2 CME A 92 8.18 -17.07 9.93
HZ3 CME A 92 9.76 -17.03 9.98
HH CME A 92 8.87 -17.98 8.13
HS2 CME A 92 8.40 -15.81 7.21
N GLY A 93 4.07 -17.30 4.71
CA GLY A 93 3.73 -18.14 3.56
C GLY A 93 2.42 -17.72 2.92
N HIS A 94 1.43 -17.32 3.73
CA HIS A 94 0.18 -16.81 3.17
C HIS A 94 0.43 -15.60 2.30
N PHE A 95 1.28 -14.69 2.77
CA PHE A 95 1.58 -13.48 2.01
C PHE A 95 2.11 -13.80 0.63
N TRP A 96 3.11 -14.66 0.53
CA TRP A 96 3.68 -14.94 -0.77
C TRP A 96 2.74 -15.79 -1.60
N GLU A 97 1.87 -16.58 -0.97
CA GLU A 97 0.85 -17.29 -1.73
C GLU A 97 -0.09 -16.30 -2.41
N MET A 98 -0.53 -15.28 -1.66
CA MET A 98 -1.34 -14.24 -2.25
C MET A 98 -0.63 -13.56 -3.41
N VAL A 99 0.65 -13.20 -3.23
CA VAL A 99 1.39 -12.58 -4.33
C VAL A 99 1.40 -13.50 -5.55
N TRP A 100 1.62 -14.79 -5.32
CA TRP A 100 1.58 -15.77 -6.41
C TRP A 100 0.21 -15.80 -7.07
N GLU A 101 -0.87 -15.97 -6.28
CA GLU A 101 -2.19 -16.22 -6.84
C GLU A 101 -2.74 -15.01 -7.56
N GLN A 102 -2.42 -13.80 -7.10
CA GLN A 102 -2.89 -12.58 -7.73
C GLN A 102 -1.98 -12.07 -8.83
N LYS A 103 -0.87 -12.75 -9.15
CA LYS A 103 0.00 -12.40 -10.28
C LYS A 103 0.56 -10.99 -10.13
N SER A 104 0.73 -10.57 -8.89
CA SER A 104 1.37 -9.31 -8.59
C SER A 104 2.81 -9.36 -9.07
N ARG A 105 3.29 -8.21 -9.46
CA ARG A 105 4.66 -8.05 -9.90
C ARG A 105 5.49 -7.30 -8.90
N GLY A 106 4.88 -6.44 -8.12
CA GLY A 106 5.61 -5.62 -7.17
C GLY A 106 5.01 -5.72 -5.78
N VAL A 107 5.87 -5.50 -4.80
CA VAL A 107 5.54 -5.31 -3.39
C VAL A 107 6.15 -4.00 -2.96
N VAL A 108 5.33 -3.10 -2.45
CA VAL A 108 5.77 -1.83 -1.86
C VAL A 108 5.69 -1.96 -0.34
N MET A 109 6.79 -1.68 0.34
CA MET A 109 6.84 -1.76 1.79
C MET A 109 7.20 -0.38 2.30
N LEU A 110 6.44 0.14 3.25
CA LEU A 110 6.63 1.53 3.65
C LEU A 110 7.02 1.68 5.13
N ASN A 111 7.45 0.60 5.76
CA ASN A 111 7.81 0.61 7.16
C ASN A 111 9.14 -0.10 7.32
N ARG A 112 9.77 0.07 8.47
CA ARG A 112 10.95 -0.70 8.78
C ARG A 112 10.51 -1.89 9.63
N VAL A 113 11.34 -2.91 9.65
CA VAL A 113 10.98 -4.11 10.40
C VAL A 113 10.91 -3.82 11.89
N MET A 114 11.75 -2.91 12.39
CA MET A 114 11.62 -2.46 13.77
C MET A 114 11.43 -0.95 13.79
N GLU A 115 10.37 -0.49 14.44
CA GLU A 115 10.12 0.91 14.66
C GLU A 115 9.76 1.13 16.12
N LYS A 116 10.30 2.19 16.71
CA LYS A 116 9.90 2.55 18.08
C LYS A 116 10.19 1.41 19.05
N GLY A 117 11.31 0.72 18.83
CA GLY A 117 11.73 -0.39 19.67
C GLY A 117 10.93 -1.66 19.57
N SER A 118 9.95 -1.74 18.69
CA SER A 118 9.11 -2.91 18.56
C SER A 118 9.05 -3.41 17.13
N LEU A 119 8.69 -4.67 17.00
CA LEU A 119 8.60 -5.31 15.71
C LEU A 119 7.28 -5.00 15.06
N LYS A 120 7.35 -4.47 13.83
CA LYS A 120 6.20 -3.99 13.09
C LYS A 120 5.90 -4.90 11.92
N CYS A 121 6.82 -5.80 11.57
CA CYS A 121 6.71 -6.65 10.40
C CYS A 121 7.63 -7.83 10.62
N ALA A 122 7.25 -8.99 10.09
CA ALA A 122 8.18 -10.11 10.04
C ALA A 122 9.15 -9.89 8.88
N GLN A 123 10.36 -10.42 9.02
CA GLN A 123 11.37 -10.40 7.98
C GLN A 123 11.00 -11.48 6.97
N TYR A 124 10.29 -11.10 5.92
CA TYR A 124 9.60 -12.05 5.06
C TYR A 124 10.32 -12.29 3.73
N TRP A 125 11.50 -11.71 3.54
CA TRP A 125 12.33 -11.88 2.37
C TRP A 125 13.77 -12.16 2.79
N PRO A 126 14.54 -12.83 1.95
CA PRO A 126 15.93 -13.17 2.31
C PRO A 126 16.87 -11.97 2.28
N GLN A 127 17.94 -12.07 3.03
CA GLN A 127 18.86 -10.96 3.07
C GLN A 127 20.15 -11.23 2.35
N LYS A 128 20.42 -12.49 2.02
CA LYS A 128 21.64 -12.90 1.34
C LYS A 128 21.23 -13.79 0.19
N GLU A 129 21.83 -13.54 -0.99
CA GLU A 129 21.66 -14.36 -2.16
C GLU A 129 21.73 -15.85 -1.85
N GLU A 130 22.68 -16.25 -1.02
CA GLU A 130 23.00 -17.66 -0.83
C GLU A 130 22.12 -18.35 0.20
N LYS A 131 21.23 -17.62 0.88
CA LYS A 131 20.33 -18.18 1.89
C LYS A 131 18.92 -17.93 1.44
N GLU A 132 18.36 -18.88 0.72
CA GLU A 132 17.01 -18.66 0.23
C GLU A 132 16.01 -19.00 1.35
N MET A 133 14.75 -18.64 1.14
CA MET A 133 13.70 -18.97 2.09
C MET A 133 12.70 -19.93 1.47
N ILE A 134 12.23 -20.84 2.30
CA ILE A 134 11.25 -21.83 1.88
C ILE A 134 10.06 -21.77 2.82
N PHE A 135 8.88 -21.62 2.26
CA PHE A 135 7.66 -21.55 3.02
C PHE A 135 7.02 -22.92 2.84
N GLU A 136 7.10 -23.74 3.88
CA GLU A 136 6.70 -25.13 3.74
C GLU A 136 5.19 -25.26 3.61
N ASP A 137 4.44 -24.40 4.32
CA ASP A 137 2.99 -24.50 4.33
C ASP A 137 2.38 -24.22 2.96
N THR A 138 2.94 -23.28 2.19
CA THR A 138 2.38 -22.93 0.89
C THR A 138 3.25 -23.38 -0.28
N ASN A 139 4.33 -24.11 0.01
CA ASN A 139 5.15 -24.73 -1.03
C ASN A 139 5.76 -23.71 -1.98
N LEU A 140 6.40 -22.69 -1.41
CA LEU A 140 6.99 -21.62 -2.19
C LEU A 140 8.44 -21.40 -1.77
N LYS A 141 9.29 -21.11 -2.74
CA LYS A 141 10.68 -20.78 -2.47
C LYS A 141 10.95 -19.37 -2.96
N LEU A 142 11.76 -18.66 -2.21
CA LEU A 142 11.99 -17.24 -2.43
C LEU A 142 13.48 -16.96 -2.32
N THR A 143 14.04 -16.38 -3.40
CA THR A 143 15.47 -16.13 -3.48
C THR A 143 15.79 -14.67 -3.76
N LEU A 144 16.75 -14.13 -3.02
CA LEU A 144 17.24 -12.79 -3.31
C LEU A 144 18.20 -12.83 -4.50
N ILE A 145 17.95 -12.00 -5.52
CA ILE A 145 18.68 -12.04 -6.76
C ILE A 145 19.66 -10.88 -6.87
N SER A 146 19.25 -9.72 -6.41
CA SER A 146 20.06 -8.53 -6.33
C SER A 146 19.33 -7.51 -5.47
N GLU A 147 20.07 -6.50 -5.05
CA GLU A 147 19.63 -5.55 -4.03
C GLU A 147 20.38 -4.28 -4.36
N ASP A 148 19.65 -3.19 -4.54
CA ASP A 148 20.20 -1.88 -4.90
C ASP A 148 19.79 -0.90 -3.82
N ILE A 149 20.71 -0.61 -2.90
CA ILE A 149 20.44 0.24 -1.75
C ILE A 149 20.72 1.69 -2.11
N LYS A 150 19.78 2.57 -1.77
CA LYS A 150 19.91 4.00 -2.00
C LYS A 150 19.57 4.75 -0.71
N SER A 151 19.63 6.07 -0.82
CA SER A 151 19.54 6.93 0.35
C SER A 151 18.25 6.68 1.09
N TYR A 152 17.09 6.84 0.42
CA TYR A 152 15.81 6.71 1.12
C TYR A 152 14.96 5.51 0.68
N TYR A 153 15.50 4.60 -0.13
CA TYR A 153 14.74 3.42 -0.50
C TYR A 153 15.69 2.35 -1.02
N THR A 154 15.26 1.10 -0.91
CA THR A 154 15.95 -0.06 -1.45
C THR A 154 15.05 -0.81 -2.43
N VAL A 155 15.62 -1.21 -3.56
CA VAL A 155 14.91 -2.02 -4.53
C VAL A 155 15.58 -3.37 -4.59
N ARG A 156 14.80 -4.43 -4.52
CA ARG A 156 15.29 -5.78 -4.55
C ARG A 156 14.59 -6.58 -5.63
N GLN A 157 15.36 -7.37 -6.37
CA GLN A 157 14.83 -8.34 -7.31
C GLN A 157 14.74 -9.67 -6.60
N LEU A 158 13.58 -10.32 -6.67
CA LEU A 158 13.39 -11.57 -5.96
C LEU A 158 12.89 -12.56 -6.96
N GLU A 159 13.19 -13.85 -6.74
CA GLU A 159 12.64 -14.92 -7.54
C GLU A 159 11.73 -15.75 -6.65
N LEU A 160 10.50 -15.94 -7.11
CA LEU A 160 9.48 -16.72 -6.41
C LEU A 160 9.22 -17.96 -7.23
N GLU A 161 9.38 -19.12 -6.62
CA GLU A 161 9.21 -20.38 -7.31
C GLU A 161 8.08 -21.14 -6.65
N ASN A 162 7.11 -21.56 -7.45
CA ASN A 162 6.06 -22.44 -7.00
C ASN A 162 6.62 -23.84 -7.04
N LEU A 163 6.87 -24.43 -5.89
CA LEU A 163 7.60 -25.69 -5.87
C LEU A 163 6.76 -26.79 -6.48
N THR A 164 5.43 -26.66 -6.38
CA THR A 164 4.53 -27.67 -6.89
C THR A 164 4.63 -27.74 -8.41
N THR A 165 4.38 -26.63 -9.07
CA THR A 165 4.37 -26.52 -10.52
C THR A 165 5.73 -26.22 -11.11
N GLN A 166 6.74 -25.97 -10.27
CA GLN A 166 8.08 -25.63 -10.72
C GLN A 166 8.15 -24.34 -11.55
N GLU A 167 7.09 -23.54 -11.62
CA GLU A 167 7.26 -22.25 -12.30
C GLU A 167 7.87 -21.21 -11.35
N THR A 168 8.40 -20.15 -11.94
CA THR A 168 9.06 -19.09 -11.23
C THR A 168 8.63 -17.75 -11.80
N ARG A 169 8.57 -16.74 -10.94
CA ARG A 169 8.37 -15.38 -11.38
C ARG A 169 9.35 -14.45 -10.68
N GLU A 170 9.63 -13.34 -11.34
CA GLU A 170 10.46 -12.28 -10.78
C GLU A 170 9.55 -11.22 -10.16
N ILE A 171 9.77 -10.93 -8.86
CA ILE A 171 9.04 -9.94 -8.09
C ILE A 171 9.99 -8.80 -7.73
N LEU A 172 9.51 -7.57 -7.85
CA LEU A 172 10.27 -6.41 -7.39
C LEU A 172 9.78 -5.97 -6.02
N HIS A 173 10.69 -5.81 -5.08
CA HIS A 173 10.38 -5.36 -3.73
C HIS A 173 10.90 -3.94 -3.61
N PHE A 174 9.99 -2.98 -3.44
CA PHE A 174 10.31 -1.58 -3.23
C PHE A 174 10.09 -1.23 -1.77
N HIS A 175 11.14 -0.78 -1.12
CA HIS A 175 11.17 -0.63 0.34
C HIS A 175 11.56 0.80 0.60
N TYR A 176 10.58 1.62 0.95
CA TYR A 176 10.84 2.96 1.48
C TYR A 176 11.35 2.85 2.90
N THR A 177 12.57 3.33 3.15
CA THR A 177 13.22 3.06 4.42
C THR A 177 13.30 4.25 5.38
N THR A 178 12.84 5.42 4.98
CA THR A 178 13.05 6.61 5.80
C THR A 178 11.77 7.30 6.28
N TRP A 179 10.64 6.67 6.20
CA TRP A 179 9.50 7.25 6.85
C TRP A 179 9.85 7.45 8.33
N PRO A 180 9.67 8.66 8.89
CA PRO A 180 10.07 8.86 10.28
C PRO A 180 9.24 8.02 11.24
N ASP A 181 9.87 7.66 12.38
CA ASP A 181 9.21 6.91 13.44
C ASP A 181 7.93 7.61 13.93
N PHE A 182 7.99 8.92 14.12
CA PHE A 182 6.83 9.71 14.49
C PHE A 182 6.59 10.75 13.40
N GLY A 183 5.33 10.99 13.09
CA GLY A 183 5.00 11.99 12.09
C GLY A 183 5.06 11.48 10.65
N VAL A 184 5.34 12.44 9.77
CA VAL A 184 5.37 12.24 8.32
C VAL A 184 6.60 12.96 7.80
N PRO A 185 7.07 12.60 6.61
CA PRO A 185 8.33 13.20 6.12
C PRO A 185 8.22 14.71 6.01
N GLU A 186 9.38 15.36 6.10
CA GLU A 186 9.37 16.82 6.09
C GLU A 186 8.91 17.33 4.72
N SER A 187 9.35 16.64 3.66
CA SER A 187 8.98 17.01 2.30
C SER A 187 8.57 15.79 1.48
N PRO A 188 7.63 15.99 0.57
CA PRO A 188 7.20 14.89 -0.30
C PRO A 188 8.22 14.47 -1.32
N ALA A 189 9.35 15.16 -1.40
CA ALA A 189 10.26 14.94 -2.51
C ALA A 189 10.70 13.48 -2.61
N SER A 190 11.20 12.92 -1.52
CA SER A 190 11.68 11.54 -1.56
C SER A 190 10.53 10.57 -1.80
N PHE A 191 9.38 10.83 -1.22
CA PHE A 191 8.23 9.96 -1.41
C PHE A 191 7.77 9.97 -2.87
N LEU A 192 7.68 11.15 -3.48
CA LEU A 192 7.27 11.22 -4.89
C LEU A 192 8.30 10.57 -5.77
N ASN A 193 9.57 10.77 -5.48
CA ASN A 193 10.61 10.10 -6.25
C ASN A 193 10.47 8.58 -6.14
N PHE A 194 10.09 8.10 -4.95
CA PHE A 194 9.88 6.67 -4.76
C PHE A 194 8.67 6.20 -5.55
N LEU A 195 7.60 6.97 -5.53
CA LEU A 195 6.39 6.61 -6.26
C LEU A 195 6.68 6.50 -7.76
N PHE A 196 7.44 7.43 -8.32
CA PHE A 196 7.69 7.40 -9.75
C PHE A 196 8.62 6.27 -10.09
N LYS A 197 9.45 5.87 -9.14
CA LYS A 197 10.27 4.67 -9.39
C LYS A 197 9.42 3.41 -9.44
N VAL A 198 8.39 3.31 -8.58
CA VAL A 198 7.48 2.16 -8.68
C VAL A 198 6.73 2.19 -10.01
N ARG A 199 6.23 3.36 -10.38
CA ARG A 199 5.52 3.49 -11.64
C ARG A 199 6.40 3.04 -12.80
N GLU A 200 7.65 3.53 -12.84
CA GLU A 200 8.56 3.29 -13.95
C GLU A 200 8.85 1.83 -14.14
N SER A 201 8.75 1.04 -13.07
CA SER A 201 9.09 -0.36 -13.08
C SER A 201 8.07 -1.24 -13.79
N GLY A 202 6.90 -0.69 -14.14
CA GLY A 202 5.81 -1.49 -14.69
C GLY A 202 4.89 -2.16 -13.68
N SER A 203 5.13 -1.99 -12.38
CA SER A 203 4.46 -2.83 -11.39
C SER A 203 3.01 -2.45 -11.19
N LEU A 204 2.63 -1.22 -11.54
CA LEU A 204 1.28 -0.72 -11.43
C LEU A 204 0.50 -0.87 -12.71
N SER A 205 1.11 -1.41 -13.73
CA SER A 205 0.48 -1.46 -15.03
C SER A 205 -0.52 -2.62 -15.13
N PRO A 206 -1.53 -2.47 -15.98
CA PRO A 206 -2.66 -3.41 -15.95
C PRO A 206 -2.39 -4.77 -16.58
N GLU A 207 -1.30 -4.96 -17.31
CA GLU A 207 -0.91 -6.31 -17.69
C GLU A 207 -0.56 -7.18 -16.49
N HIS A 208 -0.41 -6.61 -15.31
CA HIS A 208 0.01 -7.38 -14.15
C HIS A 208 -1.13 -7.43 -13.15
N GLY A 209 -1.01 -8.38 -12.23
CA GLY A 209 -1.83 -8.36 -11.05
C GLY A 209 -1.66 -7.06 -10.31
N PRO A 210 -2.55 -6.79 -9.37
CA PRO A 210 -2.39 -5.58 -8.57
C PRO A 210 -1.16 -5.64 -7.68
N VAL A 211 -0.57 -4.48 -7.48
CA VAL A 211 0.58 -4.33 -6.64
C VAL A 211 0.14 -4.55 -5.19
N VAL A 212 1.01 -5.21 -4.41
CA VAL A 212 0.79 -5.36 -2.97
C VAL A 212 1.50 -4.22 -2.25
N VAL A 213 0.75 -3.45 -1.47
CA VAL A 213 1.27 -2.32 -0.69
C VAL A 213 1.06 -2.64 0.78
N HIS A 214 2.09 -2.42 1.61
CA HIS A 214 1.89 -2.61 3.04
C HIS A 214 2.74 -1.71 3.90
N CYS A 215 2.26 -1.51 5.13
CA CYS A 215 3.03 -0.90 6.21
C CYS A 215 2.81 -1.83 7.40
N SER A 216 2.56 -1.32 8.60
N SER A 216 2.63 -1.23 8.58
CA SER A 216 2.31 -2.28 9.67
CA SER A 216 2.27 -1.91 9.82
C SER A 216 0.84 -2.71 9.69
C SER A 216 0.93 -2.60 9.70
N ALA A 217 -0.10 -1.77 9.67
CA ALA A 217 -1.49 -2.14 9.59
C ALA A 217 -2.04 -2.15 8.17
N GLY A 218 -1.35 -1.55 7.20
CA GLY A 218 -1.86 -1.53 5.86
C GLY A 218 -2.98 -0.56 5.62
N ILE A 219 -2.97 0.58 6.32
CA ILE A 219 -4.00 1.61 6.18
C ILE A 219 -3.40 3.02 6.24
N GLY A 220 -2.34 3.22 7.00
CA GLY A 220 -1.84 4.58 7.18
C GLY A 220 -0.93 5.04 6.07
N ARG A 221 0.37 4.70 6.15
CA ARG A 221 1.30 5.03 5.08
C ARG A 221 0.90 4.37 3.78
N SER A 222 0.33 3.16 3.83
CA SER A 222 -0.14 2.48 2.64
C SER A 222 -1.26 3.28 1.98
N GLY A 223 -2.15 3.84 2.79
CA GLY A 223 -3.21 4.70 2.26
C GLY A 223 -2.66 5.92 1.54
N THR A 224 -1.66 6.57 2.14
CA THR A 224 -1.02 7.73 1.53
C THR A 224 -0.41 7.39 0.17
N PHE A 225 0.19 6.21 0.05
CA PHE A 225 0.77 5.83 -1.25
C PHE A 225 -0.31 5.79 -2.34
N CYS A 226 -1.37 5.01 -2.09
N CYS A 226 -1.39 5.03 -2.11
CA CYS A 226 -2.40 4.81 -3.11
CA CYS A 226 -2.34 4.83 -3.21
C CYS A 226 -3.15 6.08 -3.41
C CYS A 226 -3.30 5.99 -3.40
N LEU A 227 -3.53 6.83 -2.38
CA LEU A 227 -4.29 8.05 -2.61
C LEU A 227 -3.51 9.01 -3.53
N ALA A 228 -2.19 9.10 -3.35
CA ALA A 228 -1.37 9.99 -4.16
C ALA A 228 -1.25 9.49 -5.59
N ASP A 229 -0.96 8.21 -5.76
CA ASP A 229 -0.89 7.65 -7.10
C ASP A 229 -2.19 7.90 -7.87
N THR A 230 -3.34 7.52 -7.29
CA THR A 230 -4.61 7.62 -7.99
C THR A 230 -4.96 9.06 -8.36
N CYS A 231 -4.86 9.98 -7.39
CA CYS A 231 -5.09 11.40 -7.65
C CYS A 231 -4.24 11.93 -8.79
N LEU A 232 -2.93 11.64 -8.79
CA LEU A 232 -2.06 12.15 -9.83
C LEU A 232 -2.44 11.55 -11.18
N LEU A 233 -2.91 10.31 -11.15
CA LEU A 233 -3.38 9.66 -12.37
C LEU A 233 -4.64 10.33 -12.89
N LEU A 234 -5.60 10.62 -12.00
CA LEU A 234 -6.84 11.24 -12.44
C LEU A 234 -6.59 12.62 -13.03
N MET A 235 -5.52 13.31 -12.57
N MET A 235 -5.57 13.32 -12.51
CA MET A 235 -5.18 14.64 -13.07
CA MET A 235 -5.16 14.60 -13.08
C MET A 235 -4.50 14.60 -14.44
C MET A 235 -4.78 14.45 -14.54
N ASP A 236 -3.96 13.44 -14.84
CA ASP A 236 -3.53 13.20 -16.22
C ASP A 236 -4.71 12.87 -17.13
N LYS A 237 -5.65 12.05 -16.67
N LYS A 237 -5.64 12.05 -16.66
CA LYS A 237 -6.69 11.53 -17.54
CA LYS A 237 -6.72 11.53 -17.51
C LYS A 237 -7.81 12.55 -17.77
C LYS A 237 -7.76 12.61 -17.80
N ARG A 238 -8.01 13.47 -16.84
CA ARG A 238 -9.17 14.34 -16.88
C ARG A 238 -8.93 15.61 -17.68
N LYS A 239 -10.04 16.06 -18.30
CA LYS A 239 -10.07 17.33 -19.00
C LYS A 239 -9.71 18.49 -18.09
N ASP A 240 -10.06 18.40 -16.81
CA ASP A 240 -9.94 19.48 -15.83
C ASP A 240 -9.11 19.01 -14.64
N PRO A 241 -7.80 19.27 -14.62
CA PRO A 241 -6.96 18.80 -13.51
C PRO A 241 -7.10 19.53 -12.17
N SER A 242 -8.15 20.31 -12.00
CA SER A 242 -8.51 20.81 -10.67
C SER A 242 -9.91 20.34 -10.30
N SER A 243 -10.43 19.35 -11.04
CA SER A 243 -11.68 18.67 -10.72
C SER A 243 -11.47 17.44 -9.86
N VAL A 244 -10.24 17.22 -9.41
CA VAL A 244 -9.90 16.10 -8.55
C VAL A 244 -10.06 16.57 -7.11
N ASP A 245 -11.00 15.97 -6.38
CA ASP A 245 -11.18 16.26 -4.96
C ASP A 245 -10.54 15.14 -4.15
N ILE A 246 -9.44 15.46 -3.46
CA ILE A 246 -8.74 14.45 -2.67
C ILE A 246 -9.70 13.77 -1.69
N LYS A 247 -10.58 14.55 -1.08
CA LYS A 247 -11.43 13.99 -0.02
C LYS A 247 -12.40 12.98 -0.60
N LYS A 248 -12.91 13.25 -1.80
CA LYS A 248 -13.82 12.29 -2.44
C LYS A 248 -13.08 11.03 -2.83
N VAL A 249 -11.86 11.18 -3.36
CA VAL A 249 -11.08 10.00 -3.70
C VAL A 249 -10.83 9.15 -2.46
N LEU A 250 -10.47 9.78 -1.36
CA LEU A 250 -10.21 9.03 -0.13
C LEU A 250 -11.44 8.27 0.32
N LEU A 251 -12.58 8.96 0.38
CA LEU A 251 -13.82 8.31 0.78
C LEU A 251 -14.20 7.15 -0.14
N GLU A 252 -13.91 7.26 -1.43
CA GLU A 252 -14.14 6.11 -2.32
C GLU A 252 -13.17 4.95 -2.04
N MET A 253 -11.93 5.21 -1.68
CA MET A 253 -11.07 4.07 -1.32
C MET A 253 -11.49 3.47 0.01
N ARG A 254 -11.98 4.29 0.95
CA ARG A 254 -12.42 3.72 2.23
C ARG A 254 -13.64 2.83 2.10
N LYS A 255 -14.29 2.79 0.95
CA LYS A 255 -15.33 1.78 0.75
C LYS A 255 -14.73 0.39 0.70
N PHE A 256 -13.42 0.30 0.45
CA PHE A 256 -12.75 -0.96 0.19
C PHE A 256 -11.85 -1.44 1.31
N ARG A 257 -11.33 -0.53 2.12
CA ARG A 257 -10.59 -0.89 3.32
C ARG A 257 -10.79 0.23 4.32
N MET A 258 -11.10 -0.14 5.55
CA MET A 258 -11.28 0.86 6.58
C MET A 258 -10.01 1.64 6.92
N GLY A 259 -10.21 2.87 7.36
CA GLY A 259 -9.20 3.59 8.10
C GLY A 259 -8.10 4.20 7.29
N LEU A 260 -8.14 4.06 5.98
CA LEU A 260 -7.04 4.55 5.17
C LEU A 260 -6.75 6.00 5.49
N ILE A 261 -5.48 6.28 5.81
CA ILE A 261 -5.00 7.59 6.25
C ILE A 261 -5.42 7.75 7.70
N GLN A 262 -4.45 7.67 8.59
CA GLN A 262 -4.70 7.45 9.99
C GLN A 262 -4.64 8.71 10.85
N THR A 263 -4.03 9.78 10.36
CA THR A 263 -3.85 11.01 11.12
C THR A 263 -4.11 12.21 10.22
N ALA A 264 -4.46 13.33 10.87
CA ALA A 264 -4.63 14.56 10.09
C ALA A 264 -3.31 14.99 9.46
N ASP A 265 -2.20 14.64 10.07
CA ASP A 265 -0.91 14.92 9.47
C ASP A 265 -0.69 14.12 8.20
N GLN A 266 -1.13 12.85 8.18
CA GLN A 266 -1.04 12.07 6.95
C GLN A 266 -1.94 12.67 5.88
N LEU A 267 -3.11 13.17 6.26
CA LEU A 267 -3.96 13.87 5.32
C LEU A 267 -3.25 15.10 4.76
N ARG A 268 -2.72 15.94 5.62
CA ARG A 268 -2.00 17.12 5.13
C ARG A 268 -0.91 16.71 4.16
N PHE A 269 -0.08 15.74 4.57
CA PHE A 269 1.03 15.31 3.74
C PHE A 269 0.54 14.81 2.38
N SER A 270 -0.66 14.23 2.35
CA SER A 270 -1.20 13.69 1.12
C SER A 270 -1.58 14.80 0.15
N TYR A 271 -2.26 15.85 0.62
CA TYR A 271 -2.43 17.04 -0.20
C TYR A 271 -1.08 17.49 -0.71
N LEU A 272 -0.14 17.61 0.20
CA LEU A 272 1.18 18.13 -0.13
C LEU A 272 1.84 17.35 -1.24
N ALA A 273 1.70 16.04 -1.25
CA ALA A 273 2.44 15.32 -2.28
C ALA A 273 1.73 15.36 -3.62
N VAL A 274 0.41 15.40 -3.59
CA VAL A 274 -0.35 15.55 -4.84
C VAL A 274 -0.06 16.90 -5.47
N ILE A 275 -0.14 17.97 -4.67
CA ILE A 275 0.11 19.31 -5.19
C ILE A 275 1.48 19.39 -5.84
N GLU A 276 2.50 18.93 -5.12
CA GLU A 276 3.86 18.99 -5.63
C GLU A 276 4.04 18.06 -6.80
N GLY A 277 3.35 16.91 -6.81
CA GLY A 277 3.47 16.01 -7.95
C GLY A 277 2.80 16.54 -9.20
N ALA A 278 1.84 17.45 -9.05
CA ALA A 278 1.17 18.03 -10.21
C ALA A 278 2.16 18.75 -11.09
N LYS A 279 3.09 19.48 -10.48
CA LYS A 279 4.13 20.16 -11.23
C LYS A 279 4.84 19.21 -12.20
N PHE A 280 5.32 18.07 -11.71
CA PHE A 280 6.12 17.15 -12.52
C PHE A 280 5.26 16.25 -13.44
N ILE A 281 3.97 16.55 -13.67
CA ILE A 281 3.19 15.84 -14.70
C ILE A 281 2.21 16.75 -15.44
N MET A 282 2.25 18.04 -15.17
CA MET A 282 1.60 19.03 -16.03
C MET A 282 2.65 19.73 -16.90
N GLY A 283 3.67 18.96 -17.31
CA GLY A 283 4.63 19.36 -18.31
C GLY A 283 5.98 19.80 -17.76
N ASP A 284 6.00 20.29 -16.51
N ASP A 284 5.99 20.32 -16.52
CA ASP A 284 7.20 20.85 -15.91
CA ASP A 284 7.22 20.83 -15.89
C ASP A 284 8.15 19.73 -15.45
C ASP A 284 8.09 19.66 -15.44
N SER A 285 8.61 18.94 -16.43
CA SER A 285 9.50 17.78 -16.20
C SER A 285 10.46 17.90 -14.99
MG MG B . 26.97 -10.88 0.87
#